data_8E0L
#
_entry.id   8E0L
#
_cell.length_a   58.249
_cell.length_b   78.885
_cell.length_c   58.664
_cell.angle_alpha   90.000
_cell.angle_beta   118.290
_cell.angle_gamma   90.000
#
_symmetry.space_group_name_H-M   'P 1 21 1'
#
loop_
_entity.id
_entity.type
_entity.pdbx_description
1 polymer BGL06
2 water water
#
_entity_poly.entity_id   1
_entity_poly.type   'polypeptide(L)'
_entity_poly.pdbx_seq_one_letter_code
;EGSDDLLLKLLELLVEQARVSAEFARRQGDEKMLEEVARKAEEVARKAEEIARKARKEGNLELALKALEILVRAAHVLAE
IARERGNEELLKKAWKLAKEALRQVKEIAEQAQKEGNLELAIIALHISVRIAEVLLETRPDDREEIRKQQEEFEELIKRL
EKQVG
;
_entity_poly.pdbx_strand_id   A,B,C
#
# COMPACT_ATOMS: atom_id res chain seq x y z
N GLU A 1 11.07 -17.36 16.14
CA GLU A 1 11.68 -16.85 17.37
C GLU A 1 11.39 -15.36 17.56
N GLY A 2 11.23 -14.95 18.81
CA GLY A 2 11.01 -13.54 19.09
C GLY A 2 12.17 -12.67 18.68
N SER A 3 13.39 -13.21 18.69
CA SER A 3 14.55 -12.44 18.26
C SER A 3 14.56 -12.25 16.75
N ASP A 4 14.13 -13.26 15.99
CA ASP A 4 14.15 -13.16 14.54
C ASP A 4 12.97 -12.35 14.01
N ASP A 5 11.82 -12.40 14.68
CA ASP A 5 10.70 -11.55 14.28
C ASP A 5 11.01 -10.07 14.54
N LEU A 6 11.70 -9.78 15.64
CA LEU A 6 12.14 -8.42 15.91
C LEU A 6 13.16 -7.96 14.88
N LEU A 7 14.13 -8.81 14.57
CA LEU A 7 15.16 -8.45 13.60
C LEU A 7 14.56 -8.15 12.23
N LEU A 8 13.58 -8.97 11.80
CA LEU A 8 12.95 -8.75 10.50
C LEU A 8 12.20 -7.43 10.46
N LYS A 9 11.59 -7.03 11.58
CA LYS A 9 10.91 -5.74 11.63
C LYS A 9 11.91 -4.60 11.50
N LEU A 10 13.09 -4.73 12.10
CA LEU A 10 14.11 -3.70 11.98
C LEU A 10 14.72 -3.69 10.58
N LEU A 11 14.89 -4.87 9.98
CA LEU A 11 15.39 -4.93 8.60
C LEU A 11 14.44 -4.25 7.64
N GLU A 12 13.13 -4.42 7.84
CA GLU A 12 12.16 -3.77 6.98
C GLU A 12 12.24 -2.25 7.12
N LEU A 13 12.48 -1.76 8.33
CA LEU A 13 12.61 -0.31 8.53
C LEU A 13 13.83 0.23 7.82
N LEU A 14 14.95 -0.51 7.86
CA LEU A 14 16.15 -0.07 7.15
C LEU A 14 15.90 -0.01 5.65
N VAL A 15 15.10 -0.94 5.12
CA VAL A 15 14.76 -0.91 3.70
C VAL A 15 13.94 0.33 3.37
N GLU A 16 12.93 0.63 4.20
CA GLU A 16 12.11 1.82 3.97
C GLU A 16 12.95 3.09 4.04
N GLN A 17 13.83 3.19 5.04
CA GLN A 17 14.66 4.38 5.19
C GLN A 17 15.66 4.49 4.04
N ALA A 18 16.17 3.36 3.56
CA ALA A 18 17.11 3.39 2.44
C ALA A 18 16.43 3.94 1.18
N ARG A 19 15.16 3.60 0.97
CA ARG A 19 14.44 4.07 -0.21
C ARG A 19 14.35 5.60 -0.24
N VAL A 20 13.98 6.20 0.89
CA VAL A 20 13.83 7.64 0.94
C VAL A 20 15.19 8.32 0.94
N SER A 21 16.17 7.75 1.65
CA SER A 21 17.52 8.32 1.66
C SER A 21 18.14 8.33 0.28
N ALA A 22 17.82 7.33 -0.55
CA ALA A 22 18.36 7.30 -1.91
C ALA A 22 17.73 8.40 -2.76
N GLU A 23 16.44 8.68 -2.54
CA GLU A 23 15.78 9.75 -3.28
C GLU A 23 16.43 11.10 -3.00
N PHE A 24 16.75 11.37 -1.73
CA PHE A 24 17.43 12.60 -1.37
C PHE A 24 18.84 12.65 -1.95
N ALA A 25 19.56 11.53 -1.86
CA ALA A 25 20.92 11.50 -2.38
C ALA A 25 20.95 11.69 -3.89
N ARG A 26 19.96 11.16 -4.59
CA ARG A 26 19.90 11.33 -6.05
C ARG A 26 19.65 12.78 -6.40
N ARG A 27 18.77 13.46 -5.67
CA ARG A 27 18.51 14.87 -5.94
C ARG A 27 19.77 15.72 -5.73
N GLN A 28 20.56 15.38 -4.72
CA GLN A 28 21.75 16.15 -4.39
C GLN A 28 22.95 15.78 -5.25
N GLY A 29 22.82 14.80 -6.15
CA GLY A 29 23.98 14.30 -6.88
C GLY A 29 25.03 13.69 -5.98
N ASP A 30 24.62 13.20 -4.82
CA ASP A 30 25.56 12.63 -3.84
C ASP A 30 25.72 11.14 -4.16
N GLU A 31 26.58 10.87 -5.15
CA GLU A 31 26.77 9.49 -5.59
C GLU A 31 27.38 8.62 -4.50
N LYS A 32 28.14 9.22 -3.58
CA LYS A 32 28.72 8.45 -2.49
C LYS A 32 27.65 7.97 -1.52
N MET A 33 26.69 8.84 -1.18
CA MET A 33 25.58 8.42 -0.33
C MET A 33 24.71 7.38 -1.05
N LEU A 34 24.57 7.53 -2.38
CA LEU A 34 23.81 6.55 -3.15
C LEU A 34 24.46 5.17 -3.10
N GLU A 35 25.79 5.13 -3.09
CA GLU A 35 26.49 3.85 -3.00
C GLU A 35 26.40 3.26 -1.60
N GLU A 36 26.36 4.11 -0.57
CA GLU A 36 26.20 3.60 0.80
C GLU A 36 24.80 3.04 1.02
N VAL A 37 23.79 3.71 0.48
CA VAL A 37 22.41 3.22 0.60
C VAL A 37 22.25 1.90 -0.15
N ALA A 38 22.87 1.79 -1.33
CA ALA A 38 22.81 0.54 -2.08
C ALA A 38 23.46 -0.60 -1.30
N ARG A 39 24.60 -0.33 -0.65
CA ARG A 39 25.22 -1.34 0.19
C ARG A 39 24.38 -1.68 1.40
N LYS A 40 23.58 -0.72 1.88
CA LYS A 40 22.66 -1.00 2.99
C LYS A 40 21.59 -1.99 2.56
N ALA A 41 21.00 -1.78 1.37
CA ALA A 41 19.98 -2.69 0.87
C ALA A 41 20.55 -4.08 0.62
N GLU A 42 21.78 -4.15 0.09
CA GLU A 42 22.43 -5.44 -0.12
C GLU A 42 22.66 -6.16 1.21
N GLU A 43 23.07 -5.40 2.23
CA GLU A 43 23.31 -6.00 3.54
C GLU A 43 22.02 -6.54 4.15
N VAL A 44 20.91 -5.82 3.99
CA VAL A 44 19.64 -6.29 4.51
C VAL A 44 19.18 -7.53 3.76
N ALA A 45 19.35 -7.54 2.44
CA ALA A 45 18.97 -8.70 1.64
C ALA A 45 19.78 -9.93 2.05
N ARG A 46 21.06 -9.73 2.38
CA ARG A 46 21.90 -10.84 2.81
C ARG A 46 21.40 -11.42 4.13
N LYS A 47 21.08 -10.55 5.09
CA LYS A 47 20.60 -11.02 6.38
C LYS A 47 19.23 -11.67 6.26
N ALA A 48 18.34 -11.10 5.45
CA ALA A 48 17.03 -11.70 5.25
C ALA A 48 17.16 -13.08 4.62
N GLU A 49 18.11 -13.24 3.70
CA GLU A 49 18.36 -14.56 3.11
C GLU A 49 18.84 -15.54 4.17
N GLU A 50 19.68 -15.08 5.10
CA GLU A 50 20.13 -15.90 6.20
C GLU A 50 18.94 -16.45 7.00
N ILE A 51 18.03 -15.56 7.39
CA ILE A 51 16.92 -15.94 8.25
C ILE A 51 15.98 -16.90 7.52
N ALA A 52 15.64 -16.60 6.26
CA ALA A 52 14.77 -17.49 5.50
C ALA A 52 15.41 -18.86 5.31
N ARG A 53 16.73 -18.92 5.20
CA ARG A 53 17.40 -20.20 5.02
C ARG A 53 17.35 -21.04 6.29
N LYS A 54 17.67 -20.41 7.44
CA LYS A 54 17.60 -21.14 8.70
C LYS A 54 16.17 -21.51 9.06
N ALA A 55 15.21 -20.63 8.74
CA ALA A 55 13.81 -20.91 9.08
C ALA A 55 13.26 -22.05 8.24
N ARG A 56 13.51 -22.02 6.93
CA ARG A 56 13.04 -23.09 6.06
C ARG A 56 13.69 -24.42 6.43
N LYS A 57 14.96 -24.38 6.85
CA LYS A 57 15.64 -25.61 7.26
C LYS A 57 15.09 -26.14 8.58
N GLU A 58 14.81 -25.24 9.52
CA GLU A 58 14.26 -25.66 10.80
C GLU A 58 12.77 -25.91 10.77
N GLY A 59 12.14 -25.82 9.59
CA GLY A 59 10.74 -26.16 9.44
C GLY A 59 9.76 -25.04 9.65
N ASN A 60 10.24 -23.81 9.90
CA ASN A 60 9.35 -22.68 10.16
C ASN A 60 9.04 -21.99 8.84
N LEU A 61 7.99 -22.48 8.16
CA LEU A 61 7.61 -21.92 6.87
C LEU A 61 7.06 -20.50 7.01
N GLU A 62 6.42 -20.19 8.14
CA GLU A 62 5.87 -18.86 8.33
C GLU A 62 6.97 -17.82 8.49
N LEU A 63 7.99 -18.14 9.30
CA LEU A 63 9.13 -17.24 9.46
C LEU A 63 9.91 -17.10 8.17
N ALA A 64 9.97 -18.16 7.37
CA ALA A 64 10.71 -18.11 6.11
C ALA A 64 10.08 -17.13 5.13
N LEU A 65 8.75 -17.12 5.04
CA LEU A 65 8.09 -16.19 4.11
C LEU A 65 8.18 -14.76 4.59
N LYS A 66 8.17 -14.54 5.92
CA LYS A 66 8.39 -13.19 6.44
C LYS A 66 9.77 -12.67 6.05
N ALA A 67 10.78 -13.53 6.11
CA ALA A 67 12.12 -13.11 5.72
C ALA A 67 12.24 -12.93 4.22
N LEU A 68 11.51 -13.72 3.44
CA LEU A 68 11.57 -13.60 1.99
C LEU A 68 10.86 -12.33 1.52
N GLU A 69 9.77 -11.95 2.20
CA GLU A 69 9.09 -10.71 1.84
C GLU A 69 10.01 -9.51 2.02
N ILE A 70 10.89 -9.56 3.02
CA ILE A 70 11.85 -8.47 3.23
C ILE A 70 12.97 -8.55 2.20
N LEU A 71 13.42 -9.77 1.87
CA LEU A 71 14.42 -9.95 0.81
C LEU A 71 13.93 -9.36 -0.50
N VAL A 72 12.67 -9.60 -0.86
CA VAL A 72 12.13 -9.08 -2.10
C VAL A 72 12.02 -7.57 -2.05
N ARG A 73 11.61 -7.03 -0.89
CA ARG A 73 11.51 -5.58 -0.75
C ARG A 73 12.88 -4.92 -0.84
N ALA A 74 13.91 -5.56 -0.28
CA ALA A 74 15.26 -5.03 -0.38
C ALA A 74 15.77 -5.07 -1.81
N ALA A 75 15.46 -6.16 -2.53
CA ALA A 75 15.86 -6.25 -3.94
C ALA A 75 15.12 -5.21 -4.78
N HIS A 76 13.87 -4.92 -4.45
CA HIS A 76 13.12 -3.89 -5.16
C HIS A 76 13.72 -2.51 -4.93
N VAL A 77 14.10 -2.22 -3.68
CA VAL A 77 14.74 -0.94 -3.38
C VAL A 77 16.10 -0.86 -4.04
N LEU A 78 16.84 -1.97 -4.07
CA LEU A 78 18.14 -1.99 -4.74
C LEU A 78 17.99 -1.74 -6.23
N ALA A 79 16.93 -2.30 -6.84
CA ALA A 79 16.68 -2.05 -8.25
C ALA A 79 16.32 -0.58 -8.49
N GLU A 80 15.60 0.03 -7.56
CA GLU A 80 15.30 1.46 -7.68
C GLU A 80 16.55 2.30 -7.57
N ILE A 81 17.44 1.96 -6.62
CA ILE A 81 18.69 2.69 -6.48
C ILE A 81 19.55 2.51 -7.73
N ALA A 82 19.55 1.31 -8.31
CA ALA A 82 20.28 1.07 -9.55
C ALA A 82 19.73 1.95 -10.67
N ARG A 83 18.42 2.16 -10.70
CA ARG A 83 17.84 3.07 -11.69
C ARG A 83 18.22 4.52 -11.39
N GLU A 84 18.23 4.90 -10.12
CA GLU A 84 18.67 6.25 -9.75
C GLU A 84 20.14 6.45 -10.11
N ARG A 85 20.96 5.42 -9.91
CA ARG A 85 22.38 5.50 -10.24
C ARG A 85 22.66 5.26 -11.72
N GLY A 86 21.72 4.66 -12.45
CA GLY A 86 21.99 4.25 -13.81
C GLY A 86 23.14 3.27 -13.86
N ASN A 87 23.10 2.27 -12.99
CA ASN A 87 24.21 1.35 -12.78
C ASN A 87 23.72 -0.07 -13.01
N GLU A 88 24.27 -0.73 -14.03
CA GLU A 88 23.81 -2.06 -14.39
C GLU A 88 24.34 -3.14 -13.44
N GLU A 89 25.47 -2.89 -12.77
CA GLU A 89 25.98 -3.87 -11.82
C GLU A 89 25.07 -3.97 -10.61
N LEU A 90 24.57 -2.84 -10.11
CA LEU A 90 23.58 -2.87 -9.05
C LEU A 90 22.28 -3.51 -9.53
N LEU A 91 21.92 -3.26 -10.80
CA LEU A 91 20.74 -3.89 -11.38
C LEU A 91 20.92 -5.40 -11.45
N LYS A 92 22.12 -5.86 -11.80
CA LYS A 92 22.38 -7.29 -11.83
C LYS A 92 22.32 -7.89 -10.43
N LYS A 93 22.81 -7.16 -9.43
CA LYS A 93 22.74 -7.65 -8.05
C LYS A 93 21.31 -7.82 -7.60
N ALA A 94 20.43 -6.87 -7.93
CA ALA A 94 19.03 -6.99 -7.55
C ALA A 94 18.35 -8.14 -8.28
N TRP A 95 18.72 -8.37 -9.54
CA TRP A 95 18.15 -9.48 -10.30
C TRP A 95 18.56 -10.82 -9.70
N LYS A 96 19.80 -10.93 -9.24
CA LYS A 96 20.24 -12.17 -8.61
C LYS A 96 19.48 -12.44 -7.32
N LEU A 97 19.18 -11.39 -6.55
CA LEU A 97 18.38 -11.55 -5.35
C LEU A 97 16.97 -12.00 -5.68
N ALA A 98 16.38 -11.44 -6.75
CA ALA A 98 15.04 -11.82 -7.14
C ALA A 98 14.98 -13.28 -7.58
N LYS A 99 16.03 -13.76 -8.25
CA LYS A 99 16.09 -15.17 -8.62
C LYS A 99 16.17 -16.07 -7.40
N GLU A 100 17.06 -15.71 -6.46
CA GLU A 100 17.20 -16.50 -5.23
C GLU A 100 15.88 -16.54 -4.47
N ALA A 101 15.13 -15.44 -4.47
CA ALA A 101 13.85 -15.41 -3.78
C ALA A 101 12.81 -16.28 -4.49
N LEU A 102 12.78 -16.24 -5.83
CA LEU A 102 11.78 -16.99 -6.57
C LEU A 102 11.93 -18.49 -6.35
N ARG A 103 13.18 -18.97 -6.28
CA ARG A 103 13.40 -20.40 -6.07
C ARG A 103 12.93 -20.84 -4.69
N GLN A 104 13.19 -20.02 -3.67
CA GLN A 104 12.78 -20.38 -2.31
C GLN A 104 11.27 -20.26 -2.15
N VAL A 105 10.68 -19.20 -2.68
CA VAL A 105 9.24 -19.01 -2.59
C VAL A 105 8.51 -20.15 -3.29
N LYS A 106 9.03 -20.58 -4.45
CA LYS A 106 8.42 -21.70 -5.16
C LYS A 106 8.45 -22.98 -4.33
N GLU A 107 9.56 -23.24 -3.65
CA GLU A 107 9.67 -24.45 -2.84
C GLU A 107 8.71 -24.40 -1.66
N ILE A 108 8.63 -23.26 -0.98
CA ILE A 108 7.73 -23.12 0.16
C ILE A 108 6.28 -23.23 -0.29
N ALA A 109 5.97 -22.64 -1.45
CA ALA A 109 4.61 -22.71 -1.97
C ALA A 109 4.19 -24.14 -2.27
N GLU A 110 5.07 -24.92 -2.88
CA GLU A 110 4.76 -26.32 -3.14
C GLU A 110 4.65 -27.12 -1.85
N GLN A 111 5.49 -26.81 -0.87
CA GLN A 111 5.43 -27.51 0.42
C GLN A 111 4.11 -27.24 1.12
N ALA A 112 3.70 -25.96 1.17
CA ALA A 112 2.44 -25.62 1.82
C ALA A 112 1.26 -26.21 1.07
N GLN A 113 1.31 -26.20 -0.27
CA GLN A 113 0.22 -26.78 -1.05
C GLN A 113 0.16 -28.29 -0.92
N LYS A 114 1.32 -28.94 -0.76
CA LYS A 114 1.33 -30.39 -0.55
C LYS A 114 0.75 -30.74 0.82
N GLU A 115 1.12 -29.98 1.85
CA GLU A 115 0.57 -30.20 3.18
C GLU A 115 -0.85 -29.67 3.33
N GLY A 116 -1.36 -28.93 2.36
CA GLY A 116 -2.71 -28.42 2.42
C GLY A 116 -2.88 -27.11 3.15
N ASN A 117 -1.79 -26.43 3.50
CA ASN A 117 -1.87 -25.12 4.14
C ASN A 117 -2.14 -24.10 3.04
N LEU A 118 -3.42 -23.85 2.78
CA LEU A 118 -3.80 -23.00 1.65
C LEU A 118 -3.38 -21.55 1.86
N GLU A 119 -3.49 -21.05 3.10
CA GLU A 119 -3.16 -19.66 3.35
C GLU A 119 -1.66 -19.40 3.19
N LEU A 120 -0.84 -20.33 3.67
CA LEU A 120 0.61 -20.17 3.53
C LEU A 120 1.01 -20.22 2.07
N ALA A 121 0.38 -21.09 1.27
CA ALA A 121 0.66 -21.13 -0.16
C ALA A 121 0.16 -19.87 -0.86
N ILE A 122 -0.91 -19.26 -0.35
CA ILE A 122 -1.40 -18.02 -0.93
C ILE A 122 -0.41 -16.89 -0.65
N ILE A 123 0.11 -16.82 0.58
CA ILE A 123 1.08 -15.79 0.92
C ILE A 123 2.34 -15.93 0.07
N ALA A 124 2.79 -17.17 -0.13
CA ALA A 124 3.96 -17.39 -0.97
C ALA A 124 3.72 -16.92 -2.40
N LEU A 125 2.57 -17.29 -2.98
CA LEU A 125 2.26 -16.84 -4.33
C LEU A 125 2.19 -15.33 -4.41
N HIS A 126 1.77 -14.66 -3.33
CA HIS A 126 1.75 -13.20 -3.33
C HIS A 126 3.16 -12.62 -3.43
N ILE A 127 4.12 -13.25 -2.76
CA ILE A 127 5.50 -12.78 -2.82
C ILE A 127 6.07 -13.00 -4.21
N SER A 128 5.72 -14.11 -4.86
CA SER A 128 6.19 -14.36 -6.22
C SER A 128 5.65 -13.33 -7.20
N VAL A 129 4.48 -12.74 -6.91
CA VAL A 129 3.98 -11.64 -7.72
C VAL A 129 4.88 -10.42 -7.57
N ARG A 130 5.26 -10.10 -6.32
CA ARG A 130 6.19 -9.00 -6.11
C ARG A 130 7.57 -9.30 -6.69
N ILE A 131 7.95 -10.58 -6.75
CA ILE A 131 9.22 -10.94 -7.37
C ILE A 131 9.17 -10.64 -8.87
N ALA A 132 8.06 -10.97 -9.53
CA ALA A 132 7.92 -10.68 -10.95
C ALA A 132 8.01 -9.19 -11.23
N GLU A 133 7.53 -8.36 -10.30
CA GLU A 133 7.66 -6.91 -10.46
C GLU A 133 9.12 -6.49 -10.42
N VAL A 134 9.92 -7.14 -9.58
CA VAL A 134 11.35 -6.83 -9.53
C VAL A 134 12.04 -7.33 -10.79
N LEU A 135 11.63 -8.49 -11.29
CA LEU A 135 12.20 -9.01 -12.54
C LEU A 135 11.91 -8.08 -13.71
N LEU A 136 10.71 -7.50 -13.74
CA LEU A 136 10.38 -6.55 -14.80
C LEU A 136 11.23 -5.29 -14.69
N GLU A 137 11.59 -4.89 -13.47
CA GLU A 137 12.38 -3.68 -13.29
C GLU A 137 13.86 -3.90 -13.60
N THR A 138 14.38 -5.09 -13.32
CA THR A 138 15.82 -5.35 -13.43
C THR A 138 16.19 -5.82 -14.83
N ARG A 139 15.72 -7.00 -15.22
CA ARG A 139 16.04 -7.60 -16.52
C ARG A 139 14.76 -8.10 -17.16
N PRO A 140 13.99 -7.19 -17.78
CA PRO A 140 12.72 -7.59 -18.41
C PRO A 140 12.88 -8.35 -19.71
N ASP A 141 14.10 -8.45 -20.24
CA ASP A 141 14.36 -9.18 -21.47
C ASP A 141 14.80 -10.62 -21.21
N ASP A 142 14.74 -11.07 -19.97
CA ASP A 142 15.05 -12.47 -19.62
C ASP A 142 13.72 -13.20 -19.49
N ARG A 143 13.12 -13.52 -20.64
CA ARG A 143 11.79 -14.11 -20.67
C ARG A 143 11.74 -15.48 -20.02
N GLU A 144 12.88 -16.16 -19.89
CA GLU A 144 12.89 -17.47 -19.25
C GLU A 144 12.56 -17.36 -17.76
N GLU A 145 13.19 -16.40 -17.07
CA GLU A 145 12.94 -16.24 -15.65
C GLU A 145 11.52 -15.74 -15.37
N ILE A 146 10.96 -14.91 -16.25
CA ILE A 146 9.61 -14.41 -16.05
C ILE A 146 8.59 -15.51 -16.34
N ARG A 147 8.81 -16.30 -17.41
CA ARG A 147 7.91 -17.40 -17.70
C ARG A 147 7.95 -18.45 -16.60
N LYS A 148 9.09 -18.61 -15.92
CA LYS A 148 9.16 -19.55 -14.81
C LYS A 148 8.24 -19.14 -13.67
N GLN A 149 8.18 -17.84 -13.36
CA GLN A 149 7.24 -17.37 -12.36
C GLN A 149 5.80 -17.55 -12.83
N GLN A 150 5.54 -17.29 -14.12
CA GLN A 150 4.19 -17.43 -14.64
C GLN A 150 3.75 -18.88 -14.68
N GLU A 151 4.66 -19.79 -15.02
CA GLU A 151 4.33 -21.21 -15.02
C GLU A 151 4.09 -21.72 -13.61
N GLU A 152 5.02 -21.43 -12.69
CA GLU A 152 4.86 -21.87 -11.31
C GLU A 152 3.61 -21.27 -10.67
N PHE A 153 3.26 -20.03 -11.02
CA PHE A 153 2.04 -19.43 -10.52
C PHE A 153 0.82 -20.12 -11.12
N GLU A 154 0.84 -20.36 -12.44
CA GLU A 154 -0.32 -20.96 -13.10
C GLU A 154 -0.52 -22.40 -12.67
N GLU A 155 0.56 -23.17 -12.55
CA GLU A 155 0.44 -24.58 -12.19
C GLU A 155 -0.08 -24.75 -10.76
N LEU A 156 0.25 -23.81 -9.87
CA LEU A 156 -0.13 -23.95 -8.47
C LEU A 156 -1.52 -23.39 -8.18
N ILE A 157 -1.87 -22.26 -8.80
CA ILE A 157 -3.17 -21.64 -8.51
C ILE A 157 -4.30 -22.57 -8.95
N LYS A 158 -4.10 -23.34 -10.03
CA LYS A 158 -5.11 -24.30 -10.45
C LYS A 158 -5.27 -25.42 -9.44
N ARG A 159 -4.18 -25.81 -8.77
CA ARG A 159 -4.28 -26.83 -7.73
C ARG A 159 -5.02 -26.30 -6.52
N LEU A 160 -4.70 -25.07 -6.10
CA LEU A 160 -5.39 -24.46 -4.97
C LEU A 160 -6.88 -24.25 -5.28
N GLU A 161 -7.21 -23.95 -6.54
CA GLU A 161 -8.61 -23.79 -6.91
C GLU A 161 -9.40 -25.07 -6.72
N LYS A 162 -8.76 -26.23 -6.94
CA LYS A 162 -9.46 -27.51 -6.80
C LYS A 162 -9.77 -27.82 -5.35
N GLN A 163 -8.93 -27.36 -4.41
CA GLN A 163 -9.12 -27.64 -3.00
C GLN A 163 -10.07 -26.66 -2.32
N VAL A 164 -10.73 -25.79 -3.08
CA VAL A 164 -11.69 -24.86 -2.51
C VAL A 164 -13.08 -25.10 -3.11
N GLU B 1 -9.37 3.46 24.12
CA GLU B 1 -10.55 4.26 23.82
C GLU B 1 -11.11 3.91 22.46
N GLY B 2 -12.20 3.13 22.44
CA GLY B 2 -12.80 2.73 21.18
C GLY B 2 -13.40 3.89 20.41
N SER B 3 -13.87 4.92 21.11
CA SER B 3 -14.47 6.07 20.44
C SER B 3 -13.42 6.85 19.66
N ASP B 4 -12.27 7.12 20.28
CA ASP B 4 -11.20 7.83 19.57
C ASP B 4 -10.63 6.99 18.44
N ASP B 5 -10.64 5.66 18.58
CA ASP B 5 -10.18 4.80 17.51
C ASP B 5 -11.09 4.90 16.28
N LEU B 6 -12.41 4.90 16.50
CA LEU B 6 -13.34 5.04 15.39
C LEU B 6 -13.26 6.43 14.79
N LEU B 7 -13.02 7.44 15.62
CA LEU B 7 -12.90 8.81 15.12
C LEU B 7 -11.71 8.94 14.17
N LEU B 8 -10.58 8.32 14.52
CA LEU B 8 -9.42 8.35 13.64
C LEU B 8 -9.70 7.62 12.33
N LYS B 9 -10.50 6.55 12.37
CA LYS B 9 -10.86 5.85 11.14
C LYS B 9 -11.69 6.75 10.24
N LEU B 10 -12.57 7.56 10.83
CA LEU B 10 -13.34 8.52 10.03
C LEU B 10 -12.46 9.61 9.46
N LEU B 11 -11.49 10.09 10.26
CA LEU B 11 -10.54 11.07 9.75
C LEU B 11 -9.69 10.47 8.63
N GLU B 12 -9.35 9.19 8.75
CA GLU B 12 -8.63 8.50 7.69
C GLU B 12 -9.43 8.48 6.40
N LEU B 13 -10.74 8.25 6.50
CA LEU B 13 -11.60 8.24 5.32
C LEU B 13 -11.65 9.63 4.67
N LEU B 14 -11.71 10.68 5.48
CA LEU B 14 -11.80 12.03 4.95
C LEU B 14 -10.53 12.40 4.19
N VAL B 15 -9.38 11.91 4.65
CA VAL B 15 -8.12 12.18 3.95
C VAL B 15 -8.09 11.45 2.61
N GLU B 16 -8.49 10.18 2.61
CA GLU B 16 -8.51 9.41 1.36
C GLU B 16 -9.47 10.03 0.36
N GLN B 17 -10.65 10.45 0.81
CA GLN B 17 -11.61 11.09 -0.09
C GLN B 17 -11.11 12.44 -0.58
N ALA B 18 -10.41 13.18 0.29
CA ALA B 18 -9.85 14.47 -0.11
C ALA B 18 -8.82 14.29 -1.22
N ARG B 19 -8.04 13.20 -1.17
CA ARG B 19 -7.06 12.95 -2.21
C ARG B 19 -7.71 12.79 -3.58
N VAL B 20 -8.75 11.96 -3.65
CA VAL B 20 -9.41 11.73 -4.94
C VAL B 20 -10.20 12.96 -5.37
N SER B 21 -10.84 13.64 -4.41
CA SER B 21 -11.59 14.84 -4.74
C SER B 21 -10.68 15.91 -5.31
N ALA B 22 -9.43 15.97 -4.84
CA ALA B 22 -8.49 16.94 -5.38
C ALA B 22 -8.10 16.61 -6.81
N GLU B 23 -8.00 15.32 -7.13
CA GLU B 23 -7.68 14.93 -8.51
C GLU B 23 -8.78 15.37 -9.47
N PHE B 24 -10.04 15.19 -9.08
CA PHE B 24 -11.14 15.62 -9.92
C PHE B 24 -11.19 17.14 -10.03
N ALA B 25 -11.07 17.83 -8.89
CA ALA B 25 -11.09 19.29 -8.90
C ALA B 25 -10.02 19.86 -9.82
N ARG B 26 -8.84 19.24 -9.84
CA ARG B 26 -7.77 19.71 -10.71
C ARG B 26 -8.10 19.46 -12.18
N ARG B 27 -8.74 18.32 -12.48
CA ARG B 27 -9.09 18.01 -13.86
C ARG B 27 -10.14 18.97 -14.40
N GLN B 28 -11.16 19.30 -13.60
CA GLN B 28 -12.20 20.22 -14.03
C GLN B 28 -11.78 21.68 -13.94
N GLY B 29 -10.59 21.97 -13.40
CA GLY B 29 -10.21 23.36 -13.18
C GLY B 29 -11.10 24.04 -12.15
N ASP B 30 -11.50 23.30 -11.11
CA ASP B 30 -12.44 23.79 -10.10
C ASP B 30 -11.63 24.22 -8.89
N GLU B 31 -11.11 25.46 -8.96
CA GLU B 31 -10.33 25.99 -7.84
C GLU B 31 -11.17 26.18 -6.59
N LYS B 32 -12.49 26.28 -6.72
CA LYS B 32 -13.35 26.34 -5.54
C LYS B 32 -13.30 25.04 -4.77
N MET B 33 -13.41 23.91 -5.47
CA MET B 33 -13.30 22.61 -4.82
C MET B 33 -11.88 22.37 -4.34
N LEU B 34 -10.89 22.80 -5.11
CA LEU B 34 -9.50 22.64 -4.69
C LEU B 34 -9.20 23.36 -3.39
N GLU B 35 -9.84 24.51 -3.17
CA GLU B 35 -9.65 25.21 -1.90
C GLU B 35 -10.39 24.50 -0.77
N GLU B 36 -11.60 24.00 -1.04
CA GLU B 36 -12.37 23.32 0.00
C GLU B 36 -11.70 22.02 0.43
N VAL B 37 -11.15 21.27 -0.53
CA VAL B 37 -10.46 20.03 -0.19
C VAL B 37 -9.21 20.31 0.62
N ALA B 38 -8.50 21.40 0.28
CA ALA B 38 -7.26 21.72 0.98
C ALA B 38 -7.51 22.04 2.44
N ARG B 39 -8.50 22.89 2.71
CA ARG B 39 -8.79 23.22 4.11
C ARG B 39 -9.46 22.07 4.83
N LYS B 40 -10.19 21.22 4.10
CA LYS B 40 -10.70 19.98 4.70
C LYS B 40 -9.55 19.10 5.18
N ALA B 41 -8.49 19.02 4.38
CA ALA B 41 -7.31 18.27 4.81
C ALA B 41 -6.63 18.95 6.00
N GLU B 42 -6.67 20.28 6.05
CA GLU B 42 -6.09 21.00 7.18
C GLU B 42 -6.89 20.75 8.45
N GLU B 43 -8.22 20.74 8.35
CA GLU B 43 -9.05 20.49 9.53
C GLU B 43 -8.84 19.08 10.08
N VAL B 44 -8.56 18.11 9.21
CA VAL B 44 -8.31 16.76 9.71
C VAL B 44 -6.97 16.68 10.40
N ALA B 45 -5.96 17.37 9.87
CA ALA B 45 -4.64 17.36 10.47
C ALA B 45 -4.67 17.96 11.88
N ARG B 46 -5.41 19.06 12.07
CA ARG B 46 -5.51 19.66 13.38
C ARG B 46 -6.28 18.76 14.34
N LYS B 47 -7.33 18.08 13.86
CA LYS B 47 -8.08 17.18 14.72
C LYS B 47 -7.27 15.95 15.08
N ALA B 48 -6.51 15.41 14.13
CA ALA B 48 -5.62 14.29 14.44
C ALA B 48 -4.53 14.72 15.42
N GLU B 49 -4.07 15.96 15.30
CA GLU B 49 -3.06 16.48 16.22
C GLU B 49 -3.63 16.61 17.63
N GLU B 50 -4.90 17.02 17.75
CA GLU B 50 -5.52 17.14 19.06
C GLU B 50 -5.65 15.77 19.74
N ILE B 51 -6.07 14.76 18.98
CA ILE B 51 -6.19 13.42 19.55
C ILE B 51 -4.82 12.89 19.93
N ALA B 52 -3.79 13.21 19.15
CA ALA B 52 -2.44 12.75 19.46
C ALA B 52 -1.94 13.33 20.76
N ARG B 53 -2.18 14.63 20.99
CA ARG B 53 -1.74 15.26 22.24
C ARG B 53 -2.48 14.68 23.44
N LYS B 54 -3.80 14.53 23.32
CA LYS B 54 -4.57 13.98 24.43
C LYS B 54 -4.21 12.53 24.70
N ALA B 55 -3.95 11.75 23.64
CA ALA B 55 -3.54 10.37 23.83
C ALA B 55 -2.19 10.28 24.52
N ARG B 56 -1.25 11.14 24.13
CA ARG B 56 0.07 11.17 24.78
C ARG B 56 -0.07 11.57 26.25
N LYS B 57 -0.97 12.50 26.54
CA LYS B 57 -1.16 12.93 27.92
C LYS B 57 -1.73 11.81 28.79
N GLU B 58 -2.71 11.07 28.26
CA GLU B 58 -3.31 9.96 28.99
C GLU B 58 -2.41 8.74 29.04
N GLY B 59 -1.23 8.79 28.43
CA GLY B 59 -0.34 7.64 28.45
C GLY B 59 -0.67 6.55 27.46
N ASN B 60 -1.53 6.83 26.48
CA ASN B 60 -1.91 5.86 25.45
C ASN B 60 -1.04 6.15 24.23
N LEU B 61 0.15 5.56 24.20
CA LEU B 61 1.11 5.83 23.13
C LEU B 61 0.67 5.21 21.82
N GLU B 62 -0.04 4.07 21.88
CA GLU B 62 -0.51 3.43 20.67
C GLU B 62 -1.53 4.30 19.94
N LEU B 63 -2.44 4.92 20.70
CA LEU B 63 -3.43 5.79 20.08
C LEU B 63 -2.79 7.06 19.53
N ALA B 64 -1.77 7.57 20.22
CA ALA B 64 -1.08 8.77 19.74
C ALA B 64 -0.38 8.50 18.41
N LEU B 65 0.19 7.31 18.26
CA LEU B 65 0.87 6.97 16.99
C LEU B 65 -0.13 6.77 15.86
N LYS B 66 -1.31 6.23 16.17
CA LYS B 66 -2.35 6.12 15.15
C LYS B 66 -2.81 7.49 14.68
N ALA B 67 -2.92 8.44 15.61
CA ALA B 67 -3.34 9.79 15.25
C ALA B 67 -2.27 10.50 14.42
N LEU B 68 -1.00 10.32 14.79
CA LEU B 68 0.07 10.95 14.02
C LEU B 68 0.18 10.36 12.62
N GLU B 69 -0.10 9.07 12.45
CA GLU B 69 -0.13 8.48 11.12
C GLU B 69 -1.18 9.18 10.26
N ILE B 70 -2.32 9.52 10.85
CA ILE B 70 -3.35 10.26 10.12
C ILE B 70 -2.85 11.67 9.80
N LEU B 71 -2.17 12.31 10.75
CA LEU B 71 -1.63 13.64 10.52
C LEU B 71 -0.65 13.66 9.35
N VAL B 72 0.22 12.66 9.28
CA VAL B 72 1.20 12.60 8.19
C VAL B 72 0.50 12.35 6.86
N ARG B 73 -0.49 11.47 6.85
CA ARG B 73 -1.24 11.22 5.61
C ARG B 73 -1.98 12.48 5.17
N ALA B 74 -2.49 13.26 6.13
CA ALA B 74 -3.14 14.52 5.78
C ALA B 74 -2.14 15.51 5.23
N ALA B 75 -0.92 15.53 5.78
CA ALA B 75 0.11 16.42 5.27
C ALA B 75 0.55 16.03 3.87
N HIS B 76 0.61 14.73 3.59
CA HIS B 76 0.97 14.27 2.26
C HIS B 76 -0.09 14.68 1.24
N VAL B 77 -1.35 14.50 1.58
CA VAL B 77 -2.43 14.91 0.69
C VAL B 77 -2.40 16.41 0.47
N LEU B 78 -2.12 17.18 1.53
CA LEU B 78 -1.99 18.62 1.39
C LEU B 78 -0.83 18.97 0.47
N ALA B 79 0.28 18.23 0.58
CA ALA B 79 1.43 18.49 -0.29
C ALA B 79 1.10 18.17 -1.74
N GLU B 80 0.37 17.08 -1.98
CA GLU B 80 -0.03 16.73 -3.34
C GLU B 80 -0.98 17.78 -3.93
N ILE B 81 -1.89 18.30 -3.10
CA ILE B 81 -2.78 19.36 -3.55
C ILE B 81 -1.98 20.62 -3.85
N ALA B 82 -0.99 20.92 -3.01
CA ALA B 82 -0.23 22.15 -3.15
C ALA B 82 0.63 22.13 -4.42
N ARG B 83 1.47 21.09 -4.57
CA ARG B 83 2.30 20.98 -5.75
C ARG B 83 1.49 20.90 -7.04
N GLU B 84 0.23 20.46 -6.95
CA GLU B 84 -0.65 20.46 -8.11
C GLU B 84 -1.02 21.89 -8.48
N ARG B 85 -1.68 22.60 -7.57
CA ARG B 85 -2.12 23.98 -7.82
C ARG B 85 -0.96 24.98 -7.84
N GLY B 86 0.27 24.53 -7.62
CA GLY B 86 1.41 25.42 -7.62
C GLY B 86 1.34 26.48 -6.54
N ASN B 87 1.03 26.07 -5.32
CA ASN B 87 0.87 26.98 -4.19
C ASN B 87 2.03 26.73 -3.22
N GLU B 88 2.95 27.69 -3.15
CA GLU B 88 4.10 27.55 -2.26
C GLU B 88 3.70 27.65 -0.80
N GLU B 89 2.63 28.39 -0.50
CA GLU B 89 2.21 28.55 0.89
C GLU B 89 1.51 27.30 1.42
N LEU B 90 0.73 26.62 0.57
CA LEU B 90 0.14 25.36 0.98
C LEU B 90 1.21 24.30 1.18
N LEU B 91 2.25 24.32 0.33
CA LEU B 91 3.41 23.45 0.55
C LEU B 91 4.09 23.75 1.88
N LYS B 92 4.11 25.03 2.28
CA LYS B 92 4.74 25.41 3.54
C LYS B 92 3.94 24.91 4.73
N LYS B 93 2.61 24.98 4.64
CA LYS B 93 1.77 24.45 5.72
C LYS B 93 1.93 22.95 5.87
N ALA B 94 2.03 22.23 4.76
CA ALA B 94 2.26 20.79 4.82
C ALA B 94 3.64 20.48 5.40
N TRP B 95 4.65 21.27 5.03
CA TRP B 95 5.97 21.10 5.64
C TRP B 95 5.91 21.30 7.15
N LYS B 96 5.17 22.31 7.59
CA LYS B 96 5.08 22.60 9.02
C LYS B 96 4.40 21.46 9.76
N LEU B 97 3.38 20.86 9.15
CA LEU B 97 2.72 19.71 9.77
C LEU B 97 3.68 18.53 9.90
N ALA B 98 4.52 18.32 8.89
CA ALA B 98 5.47 17.22 8.93
C ALA B 98 6.53 17.44 10.00
N LYS B 99 6.99 18.67 10.17
CA LYS B 99 8.01 18.95 11.17
C LYS B 99 7.45 18.76 12.58
N GLU B 100 6.19 19.13 12.79
CA GLU B 100 5.58 18.93 14.11
C GLU B 100 5.35 17.45 14.38
N ALA B 101 4.90 16.70 13.38
CA ALA B 101 4.73 15.26 13.55
C ALA B 101 6.05 14.57 13.84
N LEU B 102 7.13 15.03 13.20
CA LEU B 102 8.44 14.45 13.44
C LEU B 102 8.88 14.65 14.88
N ARG B 103 8.65 15.83 15.44
CA ARG B 103 9.02 16.09 16.83
C ARG B 103 8.23 15.21 17.79
N GLN B 104 6.94 15.02 17.53
CA GLN B 104 6.13 14.19 18.40
C GLN B 104 6.48 12.71 18.24
N VAL B 105 6.79 12.28 17.02
CA VAL B 105 7.13 10.89 16.79
C VAL B 105 8.45 10.53 17.48
N LYS B 106 9.43 11.43 17.42
CA LYS B 106 10.71 11.18 18.08
C LYS B 106 10.55 11.06 19.59
N GLU B 107 9.69 11.90 20.18
CA GLU B 107 9.44 11.84 21.62
C GLU B 107 8.80 10.50 22.00
N ILE B 108 7.74 10.12 21.29
CA ILE B 108 7.07 8.85 21.57
C ILE B 108 8.02 7.68 21.35
N ALA B 109 8.86 7.77 20.32
CA ALA B 109 9.75 6.68 19.97
C ALA B 109 10.77 6.41 21.08
N GLU B 110 11.20 7.45 21.79
CA GLU B 110 12.11 7.25 22.92
C GLU B 110 11.32 6.83 24.17
N GLN B 111 10.14 7.42 24.38
CA GLN B 111 9.29 7.01 25.49
C GLN B 111 8.86 5.56 25.36
N ALA B 112 8.68 5.07 24.13
CA ALA B 112 8.28 3.69 23.92
C ALA B 112 9.38 2.73 24.37
N GLN B 113 10.61 2.96 23.92
CA GLN B 113 11.71 2.09 24.33
C GLN B 113 12.15 2.37 25.77
N LYS B 114 11.75 3.50 26.34
CA LYS B 114 12.01 3.73 27.76
C LYS B 114 11.11 2.88 28.64
N GLU B 115 9.94 2.48 28.12
CA GLU B 115 9.05 1.55 28.80
C GLU B 115 9.25 0.12 28.32
N GLY B 116 10.24 -0.13 27.46
CA GLY B 116 10.46 -1.46 26.94
C GLY B 116 9.49 -1.92 25.89
N ASN B 117 8.75 -1.00 25.28
CA ASN B 117 7.74 -1.35 24.26
C ASN B 117 8.40 -1.19 22.90
N LEU B 118 9.07 -2.26 22.45
CA LEU B 118 9.81 -2.20 21.19
C LEU B 118 8.88 -2.10 19.99
N GLU B 119 7.67 -2.66 20.11
CA GLU B 119 6.74 -2.65 18.98
C GLU B 119 6.27 -1.24 18.65
N LEU B 120 6.03 -0.41 19.68
CA LEU B 120 5.62 0.97 19.43
C LEU B 120 6.79 1.82 18.95
N ALA B 121 8.00 1.51 19.40
CA ALA B 121 9.17 2.20 18.86
C ALA B 121 9.34 1.88 17.38
N ILE B 122 9.01 0.64 16.98
CA ILE B 122 9.08 0.26 15.58
C ILE B 122 8.02 0.99 14.76
N ILE B 123 6.81 1.11 15.30
CA ILE B 123 5.75 1.84 14.61
C ILE B 123 6.11 3.30 14.46
N ALA B 124 6.71 3.89 15.50
CA ALA B 124 7.11 5.29 15.43
C ALA B 124 8.17 5.51 14.34
N LEU B 125 9.13 4.60 14.22
CA LEU B 125 10.13 4.71 13.18
C LEU B 125 9.51 4.54 11.79
N HIS B 126 8.48 3.69 11.69
CA HIS B 126 7.71 3.59 10.45
C HIS B 126 7.16 4.95 10.04
N ILE B 127 6.57 5.66 11.00
CA ILE B 127 5.95 6.96 10.70
C ILE B 127 7.01 7.98 10.33
N SER B 128 8.17 7.92 10.97
CA SER B 128 9.24 8.88 10.67
C SER B 128 9.75 8.72 9.24
N VAL B 129 9.71 7.51 8.69
CA VAL B 129 10.05 7.32 7.28
C VAL B 129 8.99 7.96 6.40
N ARG B 130 7.71 7.81 6.76
CA ARG B 130 6.64 8.48 6.03
C ARG B 130 6.77 9.99 6.11
N ILE B 131 7.26 10.51 7.24
CA ILE B 131 7.48 11.95 7.37
C ILE B 131 8.60 12.41 6.46
N ALA B 132 9.68 11.61 6.37
CA ALA B 132 10.77 11.96 5.47
C ALA B 132 10.31 12.05 4.03
N GLU B 133 9.35 11.20 3.64
CA GLU B 133 8.80 11.28 2.29
C GLU B 133 8.04 12.59 2.08
N VAL B 134 7.29 13.03 3.09
CA VAL B 134 6.57 14.30 2.97
C VAL B 134 7.55 15.47 2.89
N LEU B 135 8.64 15.40 3.67
CA LEU B 135 9.66 16.45 3.59
C LEU B 135 10.29 16.51 2.20
N LEU B 136 10.44 15.36 1.55
CA LEU B 136 10.93 15.35 0.18
C LEU B 136 9.98 16.05 -0.79
N GLU B 137 8.67 15.95 -0.54
CA GLU B 137 7.68 16.52 -1.44
C GLU B 137 7.42 18.00 -1.17
N THR B 138 7.75 18.49 0.03
CA THR B 138 7.44 19.86 0.42
C THR B 138 8.66 20.78 0.33
N ARG B 139 9.71 20.49 1.09
CA ARG B 139 10.96 21.25 1.04
C ARG B 139 12.15 20.32 0.89
N PRO B 140 12.41 19.87 -0.34
CA PRO B 140 13.58 18.99 -0.55
C PRO B 140 14.90 19.69 -0.28
N ASP B 141 14.95 21.01 -0.38
CA ASP B 141 16.20 21.75 -0.16
C ASP B 141 16.49 22.01 1.31
N ASP B 142 15.56 21.67 2.22
CA ASP B 142 15.81 21.78 3.65
C ASP B 142 16.64 20.56 4.06
N ARG B 143 17.95 20.66 3.82
CA ARG B 143 18.85 19.53 4.07
C ARG B 143 19.03 19.26 5.55
N GLU B 144 18.82 20.25 6.41
CA GLU B 144 19.01 20.04 7.84
C GLU B 144 17.90 19.18 8.43
N GLU B 145 16.64 19.42 8.01
CA GLU B 145 15.52 18.69 8.58
C GLU B 145 15.56 17.20 8.20
N ILE B 146 15.98 16.89 6.98
CA ILE B 146 16.07 15.49 6.58
C ILE B 146 17.28 14.81 7.23
N ARG B 147 18.41 15.53 7.30
CA ARG B 147 19.55 15.00 8.04
C ARG B 147 19.19 14.78 9.50
N LYS B 148 18.28 15.59 10.04
CA LYS B 148 17.83 15.41 11.41
C LYS B 148 17.02 14.13 11.56
N GLN B 149 16.16 13.82 10.58
CA GLN B 149 15.39 12.59 10.64
C GLN B 149 16.29 11.37 10.52
N GLN B 150 17.29 11.43 9.64
CA GLN B 150 18.16 10.27 9.42
C GLN B 150 19.01 10.00 10.66
N GLU B 151 19.45 11.04 11.35
CA GLU B 151 20.25 10.85 12.56
C GLU B 151 19.41 10.28 13.69
N GLU B 152 18.17 10.76 13.85
CA GLU B 152 17.29 10.21 14.87
C GLU B 152 16.90 8.78 14.54
N PHE B 153 16.69 8.48 13.26
CA PHE B 153 16.38 7.12 12.84
C PHE B 153 17.54 6.17 13.16
N GLU B 154 18.76 6.56 12.76
CA GLU B 154 19.92 5.70 12.95
C GLU B 154 20.21 5.50 14.43
N GLU B 155 20.10 6.56 15.23
CA GLU B 155 20.41 6.46 16.65
C GLU B 155 19.45 5.51 17.36
N LEU B 156 18.15 5.60 17.04
CA LEU B 156 17.17 4.77 17.72
C LEU B 156 17.23 3.32 17.24
N ILE B 157 17.32 3.12 15.92
CA ILE B 157 17.31 1.75 15.41
C ILE B 157 18.54 0.99 15.88
N LYS B 158 19.68 1.68 16.05
CA LYS B 158 20.86 1.03 16.60
C LYS B 158 20.65 0.62 18.04
N ARG B 159 19.86 1.38 18.80
CA ARG B 159 19.53 0.98 20.16
C ARG B 159 18.63 -0.24 20.17
N LEU B 160 17.70 -0.33 19.21
CA LEU B 160 16.80 -1.48 19.15
C LEU B 160 17.51 -2.73 18.66
N GLU B 161 18.51 -2.57 17.80
CA GLU B 161 19.30 -3.73 17.37
C GLU B 161 20.01 -4.38 18.55
N LYS B 162 20.41 -3.59 19.55
CA LYS B 162 21.08 -4.14 20.72
C LYS B 162 20.16 -4.98 21.59
N GLN B 163 18.87 -5.06 21.27
CA GLN B 163 17.91 -5.85 22.04
C GLN B 163 17.49 -7.11 21.30
N VAL B 164 18.24 -7.53 20.30
CA VAL B 164 17.94 -8.77 19.58
C VAL B 164 18.93 -9.85 20.00
N SER C 3 -14.26 -22.46 1.33
CA SER C 3 -15.19 -21.40 1.71
C SER C 3 -15.00 -20.17 0.82
N ASP C 4 -15.91 -19.20 0.97
CA ASP C 4 -15.82 -17.99 0.16
C ASP C 4 -14.64 -17.12 0.55
N ASP C 5 -14.21 -17.20 1.82
CA ASP C 5 -13.05 -16.43 2.26
C ASP C 5 -11.79 -16.84 1.50
N LEU C 6 -11.56 -18.15 1.39
CA LEU C 6 -10.37 -18.63 0.69
C LEU C 6 -10.47 -18.37 -0.81
N LEU C 7 -11.67 -18.51 -1.38
CA LEU C 7 -11.85 -18.23 -2.80
C LEU C 7 -11.55 -16.78 -3.12
N LEU C 8 -11.96 -15.86 -2.23
CA LEU C 8 -11.66 -14.45 -2.44
C LEU C 8 -10.16 -14.17 -2.39
N LYS C 9 -9.45 -14.86 -1.50
CA LYS C 9 -8.00 -14.73 -1.46
C LYS C 9 -7.35 -15.19 -2.76
N LEU C 10 -7.96 -16.19 -3.42
CA LEU C 10 -7.44 -16.65 -4.71
C LEU C 10 -7.73 -15.63 -5.81
N LEU C 11 -8.94 -15.08 -5.83
CA LEU C 11 -9.29 -14.08 -6.84
C LEU C 11 -8.40 -12.86 -6.72
N GLU C 12 -8.04 -12.48 -5.49
CA GLU C 12 -7.16 -11.34 -5.30
C GLU C 12 -5.76 -11.63 -5.83
N LEU C 13 -5.28 -12.86 -5.67
CA LEU C 13 -3.99 -13.24 -6.25
C LEU C 13 -4.03 -13.17 -7.77
N LEU C 14 -5.15 -13.58 -8.38
CA LEU C 14 -5.27 -13.53 -9.83
C LEU C 14 -5.27 -12.09 -10.33
N VAL C 15 -5.84 -11.18 -9.54
CA VAL C 15 -5.83 -9.76 -9.91
C VAL C 15 -4.42 -9.21 -9.87
N GLU C 16 -3.64 -9.58 -8.85
CA GLU C 16 -2.27 -9.09 -8.73
C GLU C 16 -1.40 -9.62 -9.86
N GLN C 17 -1.52 -10.91 -10.18
CA GLN C 17 -0.74 -11.48 -11.28
C GLN C 17 -1.15 -10.90 -12.62
N ALA C 18 -2.43 -10.55 -12.78
CA ALA C 18 -2.89 -9.99 -14.06
C ALA C 18 -2.21 -8.65 -14.35
N ARG C 19 -2.06 -7.81 -13.33
CA ARG C 19 -1.43 -6.50 -13.54
C ARG C 19 0.02 -6.65 -13.95
N VAL C 20 0.73 -7.61 -13.36
CA VAL C 20 2.13 -7.81 -13.71
C VAL C 20 2.26 -8.54 -15.05
N SER C 21 1.37 -9.49 -15.32
CA SER C 21 1.37 -10.17 -16.61
C SER C 21 1.04 -9.21 -17.74
N ALA C 22 0.20 -8.21 -17.49
CA ALA C 22 -0.11 -7.24 -18.52
C ALA C 22 1.09 -6.34 -18.82
N GLU C 23 1.91 -6.05 -17.81
CA GLU C 23 3.09 -5.23 -18.04
C GLU C 23 4.11 -5.95 -18.91
N PHE C 24 4.29 -7.26 -18.68
CA PHE C 24 5.20 -8.04 -19.52
C PHE C 24 4.63 -8.22 -20.92
N ALA C 25 3.32 -8.39 -21.03
CA ALA C 25 2.68 -8.53 -22.34
C ALA C 25 2.86 -7.27 -23.17
N ARG C 26 2.75 -6.10 -22.54
CA ARG C 26 2.98 -4.85 -23.25
C ARG C 26 4.45 -4.70 -23.63
N ARG C 27 5.35 -5.11 -22.75
CA ARG C 27 6.78 -5.05 -23.06
C ARG C 27 7.12 -5.95 -24.24
N GLN C 28 6.54 -7.14 -24.29
CA GLN C 28 6.79 -8.07 -25.39
C GLN C 28 5.98 -7.77 -26.63
N GLY C 29 5.01 -6.86 -26.55
CA GLY C 29 4.17 -6.57 -27.70
C GLY C 29 3.18 -7.65 -28.06
N ASP C 30 2.78 -8.46 -27.08
CA ASP C 30 1.84 -9.56 -27.32
C ASP C 30 0.44 -9.06 -27.01
N GLU C 31 -0.25 -8.57 -28.05
CA GLU C 31 -1.61 -8.08 -27.88
C GLU C 31 -2.58 -9.22 -27.56
N LYS C 32 -2.29 -10.44 -28.02
CA LYS C 32 -3.14 -11.57 -27.70
C LYS C 32 -3.04 -11.94 -26.22
N MET C 33 -1.85 -11.82 -25.63
CA MET C 33 -1.72 -12.05 -24.20
C MET C 33 -2.41 -10.96 -23.39
N LEU C 34 -2.33 -9.71 -23.87
CA LEU C 34 -3.04 -8.62 -23.20
C LEU C 34 -4.55 -8.87 -23.23
N GLU C 35 -5.06 -9.40 -24.32
CA GLU C 35 -6.49 -9.72 -24.40
C GLU C 35 -6.85 -10.82 -23.41
N GLU C 36 -5.97 -11.80 -23.23
CA GLU C 36 -6.25 -12.90 -22.30
C GLU C 36 -6.22 -12.42 -20.86
N VAL C 37 -5.26 -11.57 -20.51
CA VAL C 37 -5.19 -11.03 -19.15
C VAL C 37 -6.43 -10.20 -18.84
N ALA C 38 -6.88 -9.39 -19.82
CA ALA C 38 -8.08 -8.60 -19.61
C ALA C 38 -9.31 -9.47 -19.42
N ARG C 39 -9.38 -10.60 -20.15
CA ARG C 39 -10.50 -11.51 -19.98
C ARG C 39 -10.46 -12.18 -18.61
N LYS C 40 -9.27 -12.52 -18.13
CA LYS C 40 -9.16 -13.13 -16.81
C LYS C 40 -9.55 -12.13 -15.71
N ALA C 41 -9.18 -10.86 -15.88
CA ALA C 41 -9.62 -9.84 -14.94
C ALA C 41 -11.13 -9.65 -15.00
N GLU C 42 -11.70 -9.69 -16.20
CA GLU C 42 -13.15 -9.60 -16.35
C GLU C 42 -13.83 -10.80 -15.67
N GLU C 43 -13.22 -11.98 -15.77
CA GLU C 43 -13.81 -13.16 -15.15
C GLU C 43 -13.76 -13.09 -13.63
N VAL C 44 -12.64 -12.60 -13.08
CA VAL C 44 -12.53 -12.45 -11.64
C VAL C 44 -13.57 -11.46 -11.13
N ALA C 45 -13.77 -10.36 -11.86
CA ALA C 45 -14.77 -9.37 -11.47
C ALA C 45 -16.17 -9.97 -11.43
N ARG C 46 -16.48 -10.84 -12.40
CA ARG C 46 -17.80 -11.47 -12.43
C ARG C 46 -17.99 -12.43 -11.26
N LYS C 47 -16.98 -13.23 -10.97
CA LYS C 47 -17.08 -14.17 -9.85
C LYS C 47 -17.18 -13.42 -8.52
N ALA C 48 -16.49 -12.29 -8.41
CA ALA C 48 -16.59 -11.48 -7.19
C ALA C 48 -18.00 -10.92 -7.03
N GLU C 49 -18.63 -10.52 -8.15
CA GLU C 49 -20.01 -10.02 -8.07
C GLU C 49 -20.95 -11.14 -7.66
N GLU C 50 -20.70 -12.37 -8.11
CA GLU C 50 -21.50 -13.51 -7.68
C GLU C 50 -21.42 -13.72 -6.17
N ILE C 51 -20.19 -13.67 -5.63
CA ILE C 51 -20.01 -13.86 -4.20
C ILE C 51 -20.64 -12.71 -3.42
N ALA C 52 -20.59 -11.49 -3.97
CA ALA C 52 -21.19 -10.35 -3.29
C ALA C 52 -22.70 -10.50 -3.20
N ARG C 53 -23.35 -10.94 -4.28
CA ARG C 53 -24.80 -11.11 -4.27
C ARG C 53 -25.21 -12.22 -3.32
N LYS C 54 -24.48 -13.33 -3.31
CA LYS C 54 -24.78 -14.43 -2.39
C LYS C 54 -24.59 -13.98 -0.94
N ALA C 55 -23.45 -13.35 -0.65
CA ALA C 55 -23.18 -12.90 0.72
C ALA C 55 -24.21 -11.89 1.19
N ARG C 56 -24.73 -11.06 0.29
CA ARG C 56 -25.72 -10.08 0.69
C ARG C 56 -27.08 -10.72 0.91
N LYS C 57 -27.39 -11.77 0.14
CA LYS C 57 -28.68 -12.44 0.30
C LYS C 57 -28.80 -13.10 1.67
N GLU C 58 -27.70 -13.64 2.20
CA GLU C 58 -27.68 -14.17 3.55
C GLU C 58 -27.48 -13.09 4.60
N GLY C 59 -27.32 -11.83 4.20
CA GLY C 59 -27.05 -10.78 5.16
C GLY C 59 -25.67 -10.81 5.75
N ASN C 60 -24.72 -11.44 5.08
CA ASN C 60 -23.33 -11.47 5.53
C ASN C 60 -22.60 -10.30 4.87
N LEU C 61 -22.78 -9.12 5.49
CA LEU C 61 -22.27 -7.89 4.88
C LEU C 61 -20.75 -7.82 4.93
N GLU C 62 -20.13 -8.46 5.90
CA GLU C 62 -18.67 -8.50 5.93
C GLU C 62 -18.12 -9.20 4.70
N LEU C 63 -18.67 -10.37 4.37
CA LEU C 63 -18.21 -11.11 3.19
C LEU C 63 -18.53 -10.36 1.90
N ALA C 64 -19.69 -9.71 1.85
CA ALA C 64 -20.06 -8.97 0.64
C ALA C 64 -19.08 -7.85 0.35
N LEU C 65 -18.58 -7.18 1.40
CA LEU C 65 -17.63 -6.10 1.20
C LEU C 65 -16.25 -6.62 0.82
N LYS C 66 -15.89 -7.81 1.29
CA LYS C 66 -14.63 -8.41 0.85
C LYS C 66 -14.66 -8.73 -0.64
N ALA C 67 -15.79 -9.25 -1.14
CA ALA C 67 -15.91 -9.56 -2.56
C ALA C 67 -15.96 -8.29 -3.39
N LEU C 68 -16.68 -7.26 -2.91
CA LEU C 68 -16.75 -6.00 -3.64
C LEU C 68 -15.39 -5.32 -3.69
N GLU C 69 -14.57 -5.48 -2.65
CA GLU C 69 -13.21 -4.96 -2.71
C GLU C 69 -12.44 -5.55 -3.88
N ILE C 70 -12.61 -6.86 -4.12
CA ILE C 70 -11.90 -7.52 -5.19
C ILE C 70 -12.48 -7.12 -6.54
N LEU C 71 -13.80 -6.95 -6.61
CA LEU C 71 -14.42 -6.46 -7.84
C LEU C 71 -13.86 -5.11 -8.25
N VAL C 72 -13.61 -4.24 -7.26
CA VAL C 72 -13.07 -2.92 -7.57
C VAL C 72 -11.61 -3.03 -8.00
N ARG C 73 -10.83 -3.89 -7.34
CA ARG C 73 -9.45 -4.10 -7.76
C ARG C 73 -9.37 -4.68 -9.17
N ALA C 74 -10.30 -5.57 -9.51
CA ALA C 74 -10.33 -6.13 -10.86
C ALA C 74 -10.66 -5.05 -11.88
N ALA C 75 -11.66 -4.21 -11.59
CA ALA C 75 -11.98 -3.10 -12.48
C ALA C 75 -10.82 -2.11 -12.57
N HIS C 76 -10.09 -1.92 -11.47
CA HIS C 76 -8.94 -1.02 -11.50
C HIS C 76 -7.83 -1.55 -12.41
N VAL C 77 -7.58 -2.85 -12.36
CA VAL C 77 -6.58 -3.44 -13.25
C VAL C 77 -7.02 -3.34 -14.70
N LEU C 78 -8.30 -3.59 -14.96
CA LEU C 78 -8.83 -3.45 -16.32
C LEU C 78 -8.64 -2.04 -16.85
N ALA C 79 -8.90 -1.03 -16.02
CA ALA C 79 -8.76 0.35 -16.46
C ALA C 79 -7.31 0.68 -16.77
N GLU C 80 -6.37 0.11 -16.02
CA GLU C 80 -4.95 0.35 -16.30
C GLU C 80 -4.54 -0.23 -17.64
N ILE C 81 -5.00 -1.45 -17.94
CA ILE C 81 -4.72 -2.05 -19.24
C ILE C 81 -5.34 -1.22 -20.36
N ALA C 82 -6.58 -0.76 -20.15
CA ALA C 82 -7.27 0.00 -21.19
C ALA C 82 -6.63 1.37 -21.39
N ARG C 83 -6.38 2.09 -20.29
CA ARG C 83 -5.80 3.42 -20.40
C ARG C 83 -4.39 3.39 -20.98
N GLU C 84 -3.62 2.35 -20.65
CA GLU C 84 -2.27 2.22 -21.20
C GLU C 84 -2.32 1.95 -22.69
N ARG C 85 -3.16 1.01 -23.11
CA ARG C 85 -3.30 0.67 -24.53
C ARG C 85 -4.14 1.67 -25.30
N GLY C 86 -4.79 2.63 -24.62
CA GLY C 86 -5.71 3.51 -25.29
C GLY C 86 -6.96 2.82 -25.80
N ASN C 87 -7.30 1.66 -25.22
CA ASN C 87 -8.44 0.87 -25.66
C ASN C 87 -9.68 1.46 -25.01
N GLU C 88 -10.48 2.17 -25.80
CA GLU C 88 -11.70 2.78 -25.27
C GLU C 88 -12.74 1.74 -24.92
N GLU C 89 -12.71 0.58 -25.59
CA GLU C 89 -13.70 -0.45 -25.32
C GLU C 89 -13.51 -1.06 -23.93
N LEU C 90 -12.28 -1.44 -23.60
CA LEU C 90 -12.02 -2.01 -22.28
C LEU C 90 -12.18 -0.96 -21.18
N LEU C 91 -11.96 0.31 -21.50
CA LEU C 91 -12.15 1.36 -20.49
C LEU C 91 -13.62 1.53 -20.14
N LYS C 92 -14.52 1.20 -21.06
CA LYS C 92 -15.95 1.29 -20.77
C LYS C 92 -16.41 0.10 -19.93
N LYS C 93 -15.87 -1.09 -20.20
CA LYS C 93 -16.23 -2.26 -19.40
C LYS C 93 -15.77 -2.11 -17.96
N ALA C 94 -14.60 -1.50 -17.75
CA ALA C 94 -14.13 -1.24 -16.39
C ALA C 94 -15.01 -0.21 -15.69
N TRP C 95 -15.49 0.78 -16.44
CA TRP C 95 -16.38 1.78 -15.87
C TRP C 95 -17.71 1.16 -15.44
N LYS C 96 -18.21 0.20 -16.23
CA LYS C 96 -19.46 -0.47 -15.87
C LYS C 96 -19.30 -1.28 -14.59
N LEU C 97 -18.13 -1.91 -14.41
CA LEU C 97 -17.89 -2.65 -13.18
C LEU C 97 -17.79 -1.73 -11.97
N ALA C 98 -17.17 -0.56 -12.16
CA ALA C 98 -17.11 0.42 -11.07
C ALA C 98 -18.50 0.95 -10.74
N LYS C 99 -19.29 1.25 -11.78
CA LYS C 99 -20.66 1.71 -11.56
C LYS C 99 -21.47 0.68 -10.79
N GLU C 100 -21.33 -0.60 -11.14
CA GLU C 100 -22.07 -1.64 -10.44
C GLU C 100 -21.61 -1.77 -8.99
N ALA C 101 -20.30 -1.65 -8.75
CA ALA C 101 -19.78 -1.78 -7.40
C ALA C 101 -20.25 -0.63 -6.51
N LEU C 102 -20.28 0.59 -7.05
CA LEU C 102 -20.67 1.75 -6.25
C LEU C 102 -22.13 1.66 -5.83
N ARG C 103 -22.99 1.15 -6.70
CA ARG C 103 -24.40 0.97 -6.34
C ARG C 103 -24.54 -0.03 -5.20
N GLN C 104 -23.77 -1.12 -5.24
CA GLN C 104 -23.85 -2.12 -4.18
C GLN C 104 -23.17 -1.64 -2.90
N VAL C 105 -22.05 -0.92 -3.04
CA VAL C 105 -21.33 -0.43 -1.87
C VAL C 105 -22.15 0.63 -1.14
N LYS C 106 -22.75 1.56 -1.88
CA LYS C 106 -23.57 2.58 -1.25
C LYS C 106 -24.72 1.96 -0.48
N GLU C 107 -25.35 0.93 -1.03
CA GLU C 107 -26.48 0.29 -0.35
C GLU C 107 -26.05 -0.37 0.95
N ILE C 108 -24.90 -1.04 0.94
CA ILE C 108 -24.40 -1.67 2.17
C ILE C 108 -23.96 -0.62 3.17
N ALA C 109 -23.38 0.49 2.69
CA ALA C 109 -22.96 1.55 3.59
C ALA C 109 -24.15 2.17 4.31
N GLU C 110 -25.25 2.41 3.59
CA GLU C 110 -26.44 2.95 4.24
C GLU C 110 -27.02 1.96 5.25
N GLN C 111 -27.15 0.69 4.85
CA GLN C 111 -27.71 -0.32 5.75
C GLN C 111 -26.88 -0.44 7.02
N ALA C 112 -25.54 -0.45 6.88
CA ALA C 112 -24.69 -0.60 8.05
C ALA C 112 -24.80 0.62 8.97
N GLN C 113 -24.89 1.81 8.38
CA GLN C 113 -24.99 3.03 9.20
C GLN C 113 -26.34 3.08 9.92
N LYS C 114 -27.42 2.73 9.23
CA LYS C 114 -28.73 2.69 9.88
C LYS C 114 -28.75 1.69 11.03
N GLU C 115 -28.13 0.53 10.84
CA GLU C 115 -28.13 -0.52 11.85
C GLU C 115 -27.13 -0.27 12.98
N GLY C 116 -26.19 0.65 12.79
CA GLY C 116 -25.19 0.92 13.80
C GLY C 116 -23.93 0.08 13.71
N ASN C 117 -23.73 -0.64 12.60
CA ASN C 117 -22.49 -1.39 12.39
C ASN C 117 -21.45 -0.41 11.86
N LEU C 118 -20.81 0.29 12.79
CA LEU C 118 -19.91 1.38 12.41
C LEU C 118 -18.67 0.87 11.69
N GLU C 119 -18.18 -0.31 12.08
CA GLU C 119 -16.97 -0.84 11.45
C GLU C 119 -17.23 -1.21 9.99
N LEU C 120 -18.39 -1.82 9.71
CA LEU C 120 -18.70 -2.21 8.35
C LEU C 120 -19.01 -1.00 7.47
N ALA C 121 -19.65 0.02 8.05
CA ALA C 121 -19.92 1.25 7.29
C ALA C 121 -18.62 1.94 6.91
N ILE C 122 -17.60 1.87 7.77
CA ILE C 122 -16.32 2.48 7.46
C ILE C 122 -15.63 1.73 6.33
N ILE C 123 -15.69 0.39 6.35
CA ILE C 123 -15.12 -0.40 5.27
C ILE C 123 -15.79 -0.08 3.95
N ALA C 124 -17.13 0.06 3.96
CA ALA C 124 -17.86 0.36 2.74
C ALA C 124 -17.44 1.73 2.19
N LEU C 125 -17.32 2.73 3.06
CA LEU C 125 -16.88 4.05 2.62
C LEU C 125 -15.46 4.01 2.07
N HIS C 126 -14.62 3.12 2.60
CA HIS C 126 -13.27 2.99 2.07
C HIS C 126 -13.28 2.43 0.65
N ILE C 127 -14.19 1.49 0.38
CA ILE C 127 -14.32 0.96 -0.97
C ILE C 127 -14.88 2.03 -1.91
N SER C 128 -15.79 2.86 -1.40
CA SER C 128 -16.35 3.94 -2.21
C SER C 128 -15.26 4.88 -2.70
N VAL C 129 -14.24 5.12 -1.88
CA VAL C 129 -13.12 5.96 -2.30
C VAL C 129 -12.33 5.27 -3.42
N ARG C 130 -12.10 3.96 -3.29
CA ARG C 130 -11.40 3.22 -4.33
C ARG C 130 -12.18 3.21 -5.64
N ILE C 131 -13.52 3.23 -5.55
CA ILE C 131 -14.34 3.26 -6.76
C ILE C 131 -14.23 4.62 -7.45
N ALA C 132 -14.23 5.70 -6.67
CA ALA C 132 -14.05 7.03 -7.25
C ALA C 132 -12.72 7.14 -7.99
N GLU C 133 -11.70 6.41 -7.53
CA GLU C 133 -10.42 6.38 -8.24
C GLU C 133 -10.57 5.72 -9.60
N VAL C 134 -11.32 4.61 -9.67
CA VAL C 134 -11.54 3.93 -10.94
C VAL C 134 -12.38 4.81 -11.87
N LEU C 135 -13.39 5.49 -11.32
CA LEU C 135 -14.19 6.39 -12.13
C LEU C 135 -13.36 7.52 -12.71
N LEU C 136 -12.31 7.94 -11.99
CA LEU C 136 -11.40 8.95 -12.53
C LEU C 136 -10.67 8.43 -13.76
N GLU C 137 -10.30 7.15 -13.75
CA GLU C 137 -9.51 6.59 -14.84
C GLU C 137 -10.36 6.27 -16.06
N THR C 138 -11.62 5.88 -15.87
CA THR C 138 -12.46 5.41 -16.95
C THR C 138 -13.36 6.47 -17.55
N ARG C 139 -14.02 7.28 -16.72
CA ARG C 139 -14.91 8.34 -17.19
C ARG C 139 -14.64 9.62 -16.40
N PRO C 140 -13.52 10.28 -16.66
CA PRO C 140 -13.19 11.48 -15.87
C PRO C 140 -14.13 12.65 -16.11
N ASP C 141 -14.71 12.77 -17.29
CA ASP C 141 -15.55 13.93 -17.62
C ASP C 141 -16.97 13.81 -17.07
N ASP C 142 -17.32 12.67 -16.47
CA ASP C 142 -18.68 12.46 -15.96
C ASP C 142 -18.78 13.12 -14.58
N ARG C 143 -19.05 14.43 -14.60
CA ARG C 143 -19.05 15.21 -13.35
C ARG C 143 -20.12 14.73 -12.37
N GLU C 144 -21.21 14.16 -12.87
CA GLU C 144 -22.37 13.89 -12.02
C GLU C 144 -22.13 12.71 -11.09
N GLU C 145 -21.57 11.62 -11.61
CA GLU C 145 -21.38 10.41 -10.80
C GLU C 145 -20.43 10.67 -9.64
N ILE C 146 -19.40 11.47 -9.87
CA ILE C 146 -18.45 11.77 -8.82
C ILE C 146 -19.07 12.72 -7.80
N ARG C 147 -19.88 13.67 -8.27
CA ARG C 147 -20.65 14.51 -7.36
C ARG C 147 -21.49 13.65 -6.43
N LYS C 148 -22.30 12.75 -7.00
CA LYS C 148 -23.16 11.90 -6.19
C LYS C 148 -22.35 11.04 -5.22
N GLN C 149 -21.20 10.53 -5.66
CA GLN C 149 -20.32 9.79 -4.77
C GLN C 149 -19.85 10.68 -3.62
N GLN C 150 -19.64 11.97 -3.89
CA GLN C 150 -19.16 12.88 -2.86
C GLN C 150 -20.26 13.26 -1.89
N GLU C 151 -21.48 13.49 -2.38
CA GLU C 151 -22.60 13.76 -1.48
C GLU C 151 -22.89 12.56 -0.60
N GLU C 152 -22.96 11.37 -1.21
CA GLU C 152 -23.19 10.14 -0.44
C GLU C 152 -22.12 9.94 0.61
N PHE C 153 -20.86 10.22 0.27
CA PHE C 153 -19.76 10.03 1.21
C PHE C 153 -19.88 10.99 2.39
N GLU C 154 -20.02 12.29 2.11
CA GLU C 154 -20.02 13.28 3.19
C GLU C 154 -21.29 13.19 4.03
N GLU C 155 -22.41 12.77 3.43
CA GLU C 155 -23.64 12.63 4.23
C GLU C 155 -23.54 11.44 5.17
N LEU C 156 -22.84 10.37 4.74
CA LEU C 156 -22.72 9.18 5.57
C LEU C 156 -21.67 9.37 6.65
N ILE C 157 -20.58 10.06 6.33
CA ILE C 157 -19.58 10.37 7.34
C ILE C 157 -20.21 11.14 8.48
N LYS C 158 -20.89 12.24 8.16
CA LYS C 158 -21.52 13.09 9.18
C LYS C 158 -22.41 12.28 10.12
N ARG C 159 -23.13 11.30 9.59
CA ARG C 159 -23.97 10.46 10.44
C ARG C 159 -23.12 9.58 11.35
N LEU C 160 -21.99 9.08 10.86
CA LEU C 160 -21.16 8.19 11.66
C LEU C 160 -20.42 8.96 12.75
N GLU C 161 -20.02 10.20 12.47
CA GLU C 161 -19.37 11.01 13.50
C GLU C 161 -20.29 11.20 14.70
N LYS C 162 -21.60 11.33 14.45
CA LYS C 162 -22.55 11.47 15.56
C LYS C 162 -22.75 10.15 16.28
N GLN C 163 -22.75 9.03 15.54
CA GLN C 163 -22.96 7.73 16.14
C GLN C 163 -21.73 7.18 16.85
N VAL C 164 -20.56 7.78 16.62
CA VAL C 164 -19.36 7.39 17.37
C VAL C 164 -19.27 8.22 18.64
#